data_2I69
#
_entry.id   2I69
#
_cell.length_a   93.262
_cell.length_b   93.262
_cell.length_c   159.319
_cell.angle_alpha   90.00
_cell.angle_beta   90.00
_cell.angle_gamma   90.00
#
_symmetry.space_group_name_H-M   'P 41 21 2'
#
loop_
_entity.id
_entity.type
_entity.pdbx_description
1 polymer Polyprotein
2 branched 2-acetamido-2-deoxy-beta-D-glucopyranose-(1-4)-[beta-L-fucopyranose-(1-6)]2-acetamido-2-deoxy-beta-D-glucopyranose
3 water water
#
_entity_poly.entity_id   1
_entity_poly.type   'polypeptide(L)'
_entity_poly.pdbx_seq_one_letter_code
;FNCLGMSNRDFLEGVSGATWVDLVLEGDSCVTIMSKDKPTIDVKMMNMEAANLAEVRSYCYLATVSDLSTKAACPTMGEA
HNDKRADPAFVCRQGVVDRGWGNGCGLFGKGSIDTCAKFACSTKAIGRTILKENIKYEVAIFVHGPTTVESHGNYSTQVG
ATQAGRFSITPAAPSYTLKLGEYGEVTVDCEPRSGIDTNAYYVMTVGTKTFLVHREWFMDLNLPWSSAGSTVWRNRETLM
EFEEPHATKQSVIALGSQEGALHQALAGAIPVEFSSNTVKLTSGHLKCRVKMEKLQLKGTTYGVCSKAFKFLGTPADTGH
GTVVLELQYTGTDGPCKVPISSVASLNDLTPVGRLVTVNPFVSVATANAKVLIELEPPFGDSYIVVGRGEQQINHHWHKS
GSS
;
_entity_poly.pdbx_strand_id   A
#
# COMPACT_ATOMS: atom_id res chain seq x y z
N PHE A 1 -0.29 7.13 13.01
CA PHE A 1 -0.88 5.90 13.63
C PHE A 1 -2.14 6.33 14.41
N ASN A 2 -2.45 7.61 14.31
CA ASN A 2 -3.45 8.33 15.06
C ASN A 2 -4.33 9.07 14.10
N CYS A 3 -5.60 9.23 14.44
CA CYS A 3 -6.44 10.07 13.62
C CYS A 3 -6.11 11.55 13.73
N LEU A 4 -5.82 12.02 14.93
CA LEU A 4 -5.79 13.47 15.12
C LEU A 4 -4.94 14.15 14.08
N GLY A 5 -5.54 15.00 13.27
CA GLY A 5 -4.77 15.81 12.35
C GLY A 5 -4.95 15.42 10.91
N MET A 6 -5.76 14.41 10.64
CA MET A 6 -5.91 13.90 9.28
C MET A 6 -7.18 14.41 8.61
N SER A 7 -7.17 14.66 7.30
CA SER A 7 -8.42 15.05 6.63
C SER A 7 -9.29 13.84 6.46
N ASN A 8 -8.65 12.69 6.41
CA ASN A 8 -9.32 11.50 6.01
C ASN A 8 -9.84 10.74 7.20
N ARG A 9 -10.66 11.40 8.02
CA ARG A 9 -11.08 10.86 9.30
C ARG A 9 -12.55 10.54 9.32
N ASP A 10 -12.92 9.46 9.98
CA ASP A 10 -14.34 9.16 10.20
C ASP A 10 -14.62 8.96 11.67
N PHE A 11 -15.88 9.13 12.01
CA PHE A 11 -16.31 8.90 13.37
C PHE A 11 -17.32 7.78 13.40
N LEU A 12 -17.13 6.81 14.30
CA LEU A 12 -18.13 5.75 14.49
C LEU A 12 -18.55 5.54 15.92
N GLU A 13 -19.81 5.19 16.13
CA GLU A 13 -20.25 4.71 17.43
C GLU A 13 -20.60 3.25 17.34
N GLY A 14 -20.16 2.50 18.35
CA GLY A 14 -20.58 1.12 18.53
C GLY A 14 -22.09 1.12 18.67
N VAL A 15 -22.77 0.29 17.85
CA VAL A 15 -24.23 0.08 17.90
C VAL A 15 -24.80 0.17 19.32
N SER A 16 -25.66 1.15 19.57
CA SER A 16 -26.23 1.30 20.90
C SER A 16 -26.43 -0.10 21.52
N GLY A 17 -25.75 -0.36 22.64
CA GLY A 17 -26.00 -1.57 23.42
C GLY A 17 -25.46 -2.86 22.83
N ALA A 18 -24.25 -2.78 22.26
CA ALA A 18 -23.48 -3.92 21.75
C ALA A 18 -22.04 -3.49 21.81
N THR A 19 -21.12 -4.43 21.65
CA THR A 19 -19.73 -4.18 21.97
C THR A 19 -18.88 -3.88 20.72
N TRP A 20 -19.18 -4.53 19.61
CA TRP A 20 -18.33 -4.54 18.38
C TRP A 20 -18.78 -3.52 17.35
N VAL A 21 -17.96 -3.27 16.34
CA VAL A 21 -18.39 -2.39 15.25
C VAL A 21 -17.84 -2.89 13.94
N ASP A 22 -18.62 -2.74 12.87
CA ASP A 22 -18.10 -2.98 11.54
C ASP A 22 -17.60 -1.73 10.83
N LEU A 23 -16.40 -1.78 10.30
CA LEU A 23 -15.96 -0.71 9.45
C LEU A 23 -15.31 -1.22 8.22
N VAL A 24 -15.07 -0.30 7.30
CA VAL A 24 -14.18 -0.59 6.23
C VAL A 24 -13.17 0.51 6.19
N LEU A 25 -11.89 0.10 6.26
CA LEU A 25 -10.75 1.01 6.18
C LEU A 25 -10.34 1.35 4.76
N GLU A 26 -9.76 2.53 4.57
CA GLU A 26 -9.34 2.90 3.23
C GLU A 26 -7.92 3.44 3.29
N GLY A 27 -7.24 3.45 2.16
CA GLY A 27 -5.87 3.97 2.07
C GLY A 27 -5.66 5.29 2.81
N ASP A 28 -4.50 5.43 3.45
CA ASP A 28 -4.19 6.61 4.27
C ASP A 28 -5.45 7.21 4.87
N SER A 29 -6.13 6.47 5.76
CA SER A 29 -7.37 6.99 6.35
C SER A 29 -7.73 6.33 7.69
N CYS A 30 -8.52 7.04 8.48
CA CYS A 30 -8.53 6.85 9.92
C CYS A 30 -9.92 6.80 10.50
N VAL A 31 -10.11 6.01 11.55
CA VAL A 31 -11.45 5.93 12.16
C VAL A 31 -11.41 5.95 13.67
N THR A 32 -12.15 6.91 14.23
CA THR A 32 -12.28 7.11 15.65
C THR A 32 -13.58 6.51 16.08
N ILE A 33 -13.51 5.59 17.03
CA ILE A 33 -14.64 4.77 17.42
C ILE A 33 -14.99 5.05 18.85
N MET A 34 -16.27 5.21 19.13
CA MET A 34 -16.65 5.61 20.48
C MET A 34 -17.71 4.69 21.04
N SER A 35 -17.51 4.19 22.26
CA SER A 35 -18.43 3.25 22.88
C SER A 35 -18.71 3.72 24.28
N LYS A 36 -19.98 3.67 24.68
CA LYS A 36 -20.33 3.96 26.07
C LYS A 36 -19.42 3.19 27.05
N ASP A 37 -18.81 3.93 28.00
CA ASP A 37 -18.05 3.36 29.13
C ASP A 37 -16.75 2.68 28.76
N LYS A 38 -16.30 2.92 27.53
CA LYS A 38 -15.04 2.36 27.06
C LYS A 38 -14.22 3.49 26.48
N PRO A 39 -12.87 3.37 26.48
CA PRO A 39 -12.19 4.50 25.91
C PRO A 39 -12.29 4.55 24.38
N THR A 40 -12.17 5.74 23.84
CA THR A 40 -12.16 5.99 22.43
C THR A 40 -10.91 5.37 21.85
N ILE A 41 -11.04 4.71 20.70
CA ILE A 41 -9.89 4.19 19.96
C ILE A 41 -9.92 4.66 18.53
N ASP A 42 -8.75 4.64 17.90
CA ASP A 42 -8.60 5.09 16.54
C ASP A 42 -8.12 3.89 15.80
N VAL A 43 -8.75 3.56 14.68
CA VAL A 43 -8.19 2.47 13.84
C VAL A 43 -7.68 3.07 12.57
N LYS A 44 -6.51 2.66 12.12
CA LYS A 44 -5.91 3.33 10.96
C LYS A 44 -5.13 2.42 10.04
N MET A 45 -5.23 2.73 8.75
CA MET A 45 -4.68 1.98 7.65
C MET A 45 -3.32 2.56 7.30
N MET A 46 -2.27 1.94 7.82
CA MET A 46 -0.94 2.50 7.71
C MET A 46 -0.35 2.27 6.33
N ASN A 47 -0.74 1.16 5.69
CA ASN A 47 0.04 0.63 4.57
C ASN A 47 -0.58 -0.64 3.98
N MET A 48 -0.56 -0.78 2.66
CA MET A 48 -1.17 -1.93 1.97
C MET A 48 -0.27 -2.30 0.82
N GLU A 49 0.21 -3.53 0.87
CA GLU A 49 1.32 -3.94 0.01
C GLU A 49 1.01 -5.25 -0.63
N ALA A 50 1.40 -5.38 -1.89
CA ALA A 50 1.44 -6.69 -2.50
C ALA A 50 2.89 -7.12 -2.63
N ALA A 51 3.23 -8.20 -1.96
CA ALA A 51 4.60 -8.70 -1.99
C ALA A 51 4.63 -10.13 -2.54
N ASN A 52 5.83 -10.58 -2.95
CA ASN A 52 6.04 -11.94 -3.48
C ASN A 52 5.18 -12.29 -4.68
N LEU A 53 5.10 -11.40 -5.66
CA LEU A 53 4.21 -11.61 -6.80
C LEU A 53 4.58 -12.82 -7.66
N ALA A 54 3.64 -13.28 -8.48
CA ALA A 54 3.91 -14.34 -9.44
C ALA A 54 4.35 -13.72 -10.76
N GLU A 55 5.45 -14.26 -11.30
CA GLU A 55 5.98 -13.84 -12.59
C GLU A 55 5.14 -14.51 -13.67
N VAL A 56 4.52 -13.70 -14.52
CA VAL A 56 3.62 -14.19 -15.56
C VAL A 56 4.46 -14.55 -16.77
N ARG A 57 4.87 -13.53 -17.50
CA ARG A 57 5.56 -13.73 -18.73
C ARG A 57 7.04 -13.44 -18.50
N SER A 58 7.60 -12.64 -19.41
CA SER A 58 8.98 -12.18 -19.48
C SER A 58 9.16 -11.97 -20.98
N TYR A 59 9.93 -10.95 -21.35
CA TYR A 59 9.97 -10.43 -22.70
C TYR A 59 11.37 -9.89 -22.94
N CYS A 60 11.98 -10.25 -24.07
CA CYS A 60 13.38 -9.90 -24.29
C CYS A 60 13.45 -8.54 -24.93
N TYR A 61 14.34 -7.66 -24.47
CA TYR A 61 14.38 -6.38 -25.18
C TYR A 61 15.65 -6.09 -25.96
N LEU A 62 16.77 -6.63 -25.52
CA LEU A 62 17.98 -6.57 -26.32
C LEU A 62 18.51 -7.98 -26.47
N ALA A 63 18.80 -8.37 -27.71
CA ALA A 63 19.28 -9.73 -28.01
C ALA A 63 20.71 -9.81 -28.56
N THR A 64 21.26 -11.03 -28.60
CA THR A 64 22.54 -11.28 -29.23
C THR A 64 22.41 -12.43 -30.20
N VAL A 65 23.06 -12.30 -31.36
CA VAL A 65 23.03 -13.29 -32.43
C VAL A 65 24.44 -13.78 -32.66
N SER A 66 24.69 -15.06 -32.39
CA SER A 66 26.05 -15.60 -32.43
C SER A 66 26.23 -16.93 -33.15
N ASP A 67 27.48 -17.24 -33.49
CA ASP A 67 27.87 -18.48 -34.17
C ASP A 67 26.95 -18.78 -35.34
N LEU A 68 27.18 -18.07 -36.44
CA LEU A 68 26.39 -18.19 -37.64
C LEU A 68 27.02 -19.26 -38.51
N SER A 69 26.26 -20.30 -38.81
CA SER A 69 26.68 -21.24 -39.84
C SER A 69 25.63 -21.26 -40.92
N THR A 70 26.01 -21.68 -42.11
CA THR A 70 25.07 -21.87 -43.19
C THR A 70 25.51 -23.03 -44.09
N LYS A 71 24.64 -24.02 -44.20
CA LYS A 71 24.90 -25.20 -45.00
C LYS A 71 24.29 -24.96 -46.37
N ALA A 72 25.07 -25.22 -47.43
CA ALA A 72 24.65 -24.98 -48.82
C ALA A 72 24.55 -26.27 -49.64
N ALA A 73 23.61 -26.34 -50.57
CA ALA A 73 23.44 -27.54 -51.38
C ALA A 73 23.20 -27.23 -52.86
N CYS A 74 24.07 -27.76 -53.73
CA CYS A 74 23.98 -27.53 -55.20
C CYS A 74 22.69 -27.99 -55.81
N PRO A 75 22.29 -27.38 -56.94
CA PRO A 75 21.07 -27.86 -57.63
C PRO A 75 21.18 -29.35 -57.91
N THR A 76 20.05 -30.04 -57.82
CA THR A 76 19.92 -31.53 -57.87
C THR A 76 20.50 -32.35 -56.70
N MET A 77 21.38 -31.76 -55.90
CA MET A 77 21.84 -32.41 -54.66
C MET A 77 20.79 -32.31 -53.54
N GLY A 78 19.58 -31.88 -53.86
CA GLY A 78 18.50 -31.80 -52.85
C GLY A 78 18.56 -30.71 -51.77
N GLU A 79 17.74 -30.88 -50.73
CA GLU A 79 17.55 -29.86 -49.67
C GLU A 79 18.61 -29.93 -48.56
N ALA A 80 19.27 -28.81 -48.27
CA ALA A 80 20.33 -28.74 -47.25
C ALA A 80 19.71 -28.67 -45.88
N HIS A 81 20.24 -29.44 -44.93
CA HIS A 81 19.75 -29.40 -43.55
C HIS A 81 20.91 -29.13 -42.61
N ASN A 82 21.14 -27.87 -42.26
CA ASN A 82 22.08 -27.48 -41.18
C ASN A 82 21.85 -28.30 -39.90
N ASP A 83 22.93 -28.90 -39.37
CA ASP A 83 22.82 -29.82 -38.22
C ASP A 83 22.49 -29.08 -36.93
N LYS A 84 22.93 -27.82 -36.83
CA LYS A 84 22.50 -26.89 -35.76
C LYS A 84 20.99 -26.92 -35.49
N ARG A 85 20.21 -27.56 -36.37
CA ARG A 85 18.76 -27.66 -36.22
C ARG A 85 18.31 -28.53 -35.02
N ALA A 86 19.16 -29.45 -34.58
CA ALA A 86 18.93 -30.25 -33.37
C ALA A 86 19.13 -29.47 -32.06
N ASP A 87 19.68 -28.25 -32.16
CA ASP A 87 20.07 -27.47 -30.99
C ASP A 87 18.94 -26.55 -30.50
N PRO A 88 18.46 -26.78 -29.28
CA PRO A 88 17.46 -25.86 -28.76
C PRO A 88 17.86 -24.38 -28.86
N ALA A 89 19.15 -24.09 -28.68
CA ALA A 89 19.66 -22.71 -28.57
C ALA A 89 19.79 -21.99 -29.93
N PHE A 90 19.84 -22.74 -31.02
CA PHE A 90 20.00 -22.14 -32.34
C PHE A 90 18.67 -21.94 -33.08
N VAL A 91 18.65 -21.03 -34.05
CA VAL A 91 17.44 -20.71 -34.86
C VAL A 91 17.74 -20.68 -36.37
N CYS A 92 16.91 -21.38 -37.15
CA CYS A 92 17.24 -21.73 -38.54
C CYS A 92 16.23 -21.34 -39.60
N ARG A 93 16.72 -20.85 -40.74
CA ARG A 93 15.88 -20.58 -41.91
C ARG A 93 16.40 -21.19 -43.22
N GLN A 94 15.55 -22.00 -43.84
CA GLN A 94 15.80 -22.51 -45.18
C GLN A 94 15.64 -21.42 -46.21
N GLY A 95 16.37 -21.56 -47.32
CA GLY A 95 16.25 -20.63 -48.42
C GLY A 95 16.66 -21.24 -49.74
N VAL A 96 16.87 -20.37 -50.70
CA VAL A 96 17.07 -20.71 -52.09
C VAL A 96 17.99 -19.64 -52.71
N VAL A 97 18.99 -20.05 -53.49
CA VAL A 97 19.97 -19.11 -54.06
C VAL A 97 20.37 -19.57 -55.44
N ASP A 98 20.47 -18.64 -56.38
CA ASP A 98 21.04 -18.99 -57.68
C ASP A 98 22.47 -19.50 -57.45
N ARG A 99 22.83 -20.65 -58.05
CA ARG A 99 24.21 -21.16 -58.04
C ARG A 99 24.54 -21.60 -59.44
N GLY A 100 25.82 -21.95 -59.63
CA GLY A 100 26.44 -22.39 -60.91
C GLY A 100 27.97 -22.21 -60.87
N TRP A 101 28.65 -22.67 -61.92
CA TRP A 101 30.10 -22.47 -62.13
C TRP A 101 30.76 -21.30 -61.40
N GLY A 102 30.22 -20.10 -61.62
CA GLY A 102 30.71 -18.86 -61.03
C GLY A 102 30.83 -18.92 -59.52
N ASN A 103 30.21 -19.92 -58.89
CA ASN A 103 30.23 -20.00 -57.42
C ASN A 103 30.17 -21.40 -56.80
N GLY A 104 30.66 -22.42 -57.49
CA GLY A 104 30.87 -23.69 -56.84
C GLY A 104 30.09 -24.90 -57.29
N CYS A 105 28.98 -24.72 -58.00
CA CYS A 105 28.23 -25.88 -58.49
C CYS A 105 28.58 -26.21 -59.89
N GLY A 106 28.46 -27.47 -60.25
CA GLY A 106 28.72 -27.91 -61.63
C GLY A 106 27.49 -27.75 -62.50
N LEU A 107 26.36 -27.40 -61.87
CA LEU A 107 25.12 -27.08 -62.58
C LEU A 107 24.59 -25.69 -62.18
N PHE A 108 23.77 -25.13 -63.07
CA PHE A 108 23.14 -23.83 -62.87
C PHE A 108 21.72 -24.06 -62.52
N GLY A 109 21.34 -23.66 -61.32
CA GLY A 109 19.95 -23.62 -60.94
C GLY A 109 19.85 -22.98 -59.58
N LYS A 110 18.70 -23.14 -58.96
CA LYS A 110 18.49 -22.69 -57.60
C LYS A 110 19.01 -23.76 -56.69
N GLY A 111 20.13 -23.50 -56.03
CA GLY A 111 20.62 -24.38 -54.97
C GLY A 111 19.95 -24.10 -53.65
N SER A 112 19.90 -25.10 -52.76
CA SER A 112 19.30 -24.97 -51.43
C SER A 112 20.31 -24.39 -50.45
N ILE A 113 19.84 -23.94 -49.29
CA ILE A 113 20.66 -23.22 -48.31
C ILE A 113 19.91 -23.20 -46.99
N ASP A 114 20.64 -23.27 -45.87
CA ASP A 114 20.00 -23.40 -44.54
C ASP A 114 20.81 -22.73 -43.43
N THR A 115 20.28 -21.64 -42.88
CA THR A 115 21.07 -20.77 -41.99
C THR A 115 20.67 -20.79 -40.50
N CYS A 116 21.61 -21.18 -39.64
CA CYS A 116 21.37 -21.17 -38.21
C CYS A 116 22.31 -20.23 -37.50
N ALA A 117 21.80 -19.65 -36.41
CA ALA A 117 22.53 -18.75 -35.53
C ALA A 117 21.99 -18.88 -34.10
N LYS A 118 22.85 -18.62 -33.12
CA LYS A 118 22.49 -18.77 -31.73
C LYS A 118 21.80 -17.49 -31.21
N PHE A 119 20.69 -17.66 -30.47
CA PHE A 119 19.98 -16.52 -29.89
C PHE A 119 20.21 -16.37 -28.40
N ALA A 120 20.73 -15.22 -27.99
CA ALA A 120 20.85 -14.91 -26.58
C ALA A 120 20.01 -13.67 -26.21
N CYS A 121 19.54 -13.62 -24.95
CA CYS A 121 18.84 -12.45 -24.42
C CYS A 121 19.71 -11.67 -23.47
N SER A 122 20.08 -10.46 -23.88
CA SER A 122 20.90 -9.58 -23.05
C SER A 122 20.17 -9.11 -21.80
N THR A 123 19.17 -8.25 -21.97
CA THR A 123 18.34 -7.88 -20.84
C THR A 123 16.88 -8.11 -21.17
N LYS A 124 16.10 -8.33 -20.11
CA LYS A 124 14.70 -8.65 -20.27
C LYS A 124 13.78 -7.77 -19.42
N ALA A 125 12.48 -7.93 -19.64
CA ALA A 125 11.48 -7.20 -18.89
C ALA A 125 10.42 -8.16 -18.37
N ILE A 126 10.12 -8.05 -17.08
CA ILE A 126 9.23 -9.00 -16.41
C ILE A 126 7.86 -8.38 -16.10
N GLY A 127 6.81 -9.11 -16.46
CA GLY A 127 5.46 -8.73 -16.09
C GLY A 127 5.06 -9.63 -14.95
N ARG A 128 4.39 -9.06 -13.96
CA ARG A 128 3.95 -9.83 -12.82
C ARG A 128 2.47 -9.56 -12.47
N THR A 129 1.79 -10.57 -11.98
CA THR A 129 0.41 -10.44 -11.62
C THR A 129 0.29 -10.12 -10.12
N ILE A 130 -0.81 -9.50 -9.71
CA ILE A 130 -1.10 -9.33 -8.28
C ILE A 130 -2.24 -10.24 -7.86
N LEU A 131 -1.96 -11.52 -7.70
CA LEU A 131 -2.93 -12.43 -7.09
C LEU A 131 -3.27 -11.81 -5.71
N LYS A 132 -4.48 -12.06 -5.19
CA LYS A 132 -4.93 -11.43 -3.91
C LYS A 132 -4.22 -12.00 -2.67
N GLU A 133 -3.77 -13.24 -2.76
CA GLU A 133 -2.92 -13.86 -1.73
C GLU A 133 -1.69 -13.00 -1.36
N ASN A 134 -1.29 -12.09 -2.25
CA ASN A 134 -0.06 -11.32 -2.11
C ASN A 134 -0.28 -10.11 -1.22
N ILE A 135 -1.50 -9.91 -0.77
CA ILE A 135 -1.82 -8.65 -0.11
C ILE A 135 -1.68 -8.69 1.41
N LYS A 136 -1.03 -7.65 1.92
CA LYS A 136 -0.85 -7.44 3.33
C LYS A 136 -1.29 -6.00 3.65
N TYR A 137 -2.10 -5.88 4.70
CA TYR A 137 -2.58 -4.58 5.14
C TYR A 137 -1.95 -4.35 6.47
N GLU A 138 -1.59 -3.11 6.76
CA GLU A 138 -0.96 -2.81 8.00
C GLU A 138 -1.79 -1.81 8.72
N VAL A 139 -2.17 -2.17 9.94
CA VAL A 139 -3.15 -1.41 10.71
C VAL A 139 -2.62 -0.95 12.04
N ALA A 140 -2.74 0.33 12.36
CA ALA A 140 -2.37 0.76 13.70
C ALA A 140 -3.62 0.94 14.50
N ILE A 141 -3.51 0.78 15.81
CA ILE A 141 -4.63 1.09 16.70
C ILE A 141 -4.08 1.85 17.88
N PHE A 142 -4.90 2.74 18.43
CA PHE A 142 -4.47 3.73 19.41
C PHE A 142 -5.62 3.89 20.34
N VAL A 143 -5.32 3.85 21.62
CA VAL A 143 -6.32 4.11 22.63
C VAL A 143 -6.14 5.55 23.06
N HIS A 144 -7.25 6.25 23.26
CA HIS A 144 -7.26 7.63 23.69
C HIS A 144 -7.10 7.70 25.20
N GLY A 145 -5.95 7.25 25.67
CA GLY A 145 -5.54 7.41 27.07
C GLY A 145 -4.90 8.77 27.23
N PRO A 146 -4.46 9.13 28.47
CA PRO A 146 -3.74 10.38 28.73
C PRO A 146 -2.66 10.64 27.69
N THR A 147 -2.66 11.84 27.12
CA THR A 147 -1.82 12.18 25.99
C THR A 147 -1.54 13.66 26.07
N THR A 148 -0.52 14.15 25.38
CA THR A 148 -0.19 15.58 25.36
C THR A 148 0.01 16.11 23.96
N VAL A 149 -0.12 17.42 23.76
CA VAL A 149 0.18 17.98 22.42
C VAL A 149 1.53 17.45 21.95
N GLU A 150 2.57 17.64 22.77
CA GLU A 150 3.88 17.01 22.53
C GLU A 150 3.85 15.51 22.22
N SER A 151 2.98 14.74 22.88
CA SER A 151 3.16 13.28 22.91
C SER A 151 2.20 12.50 22.08
N HIS A 152 1.08 13.14 21.73
CA HIS A 152 0.00 12.51 20.96
C HIS A 152 0.46 11.88 19.66
N GLY A 153 1.49 12.45 19.03
CA GLY A 153 2.02 11.96 17.77
C GLY A 153 3.19 11.00 17.95
N ASN A 154 4.14 11.32 18.83
CA ASN A 154 5.31 10.49 19.20
C ASN A 154 4.89 9.02 19.22
N TYR A 155 5.18 8.30 18.14
CA TYR A 155 4.69 6.92 18.05
C TYR A 155 5.28 6.06 19.15
N SER A 156 6.57 6.25 19.41
CA SER A 156 7.25 5.46 20.41
C SER A 156 6.63 5.68 21.78
N THR A 157 6.48 6.95 22.18
CA THR A 157 5.86 7.29 23.47
C THR A 157 4.55 6.55 23.68
N GLN A 158 3.67 6.57 22.67
CA GLN A 158 2.43 5.85 22.81
C GLN A 158 2.63 4.34 23.01
N VAL A 159 3.53 3.73 22.24
CA VAL A 159 3.74 2.27 22.39
C VAL A 159 4.19 1.97 23.81
N GLY A 160 5.12 2.80 24.31
CA GLY A 160 5.68 2.66 25.64
C GLY A 160 4.57 2.77 26.65
N ALA A 161 3.62 3.66 26.39
CA ALA A 161 2.54 3.93 27.33
C ALA A 161 1.39 2.94 27.14
N THR A 162 1.71 1.80 26.50
CA THR A 162 0.74 0.75 26.26
C THR A 162 -0.54 1.33 25.72
N GLN A 163 -0.41 2.08 24.63
CA GLN A 163 -1.47 2.94 24.19
C GLN A 163 -1.66 2.95 22.69
N ALA A 164 -0.58 2.68 21.95
CA ALA A 164 -0.62 2.55 20.48
C ALA A 164 -0.47 1.09 20.11
N GLY A 165 -0.30 0.76 18.82
CA GLY A 165 0.02 -0.62 18.38
C GLY A 165 -0.19 -0.87 16.91
N ARG A 166 0.85 -1.37 16.22
CA ARG A 166 0.82 -1.66 14.77
C ARG A 166 0.79 -3.19 14.51
N PHE A 167 -0.23 -3.68 13.81
CA PHE A 167 -0.23 -5.08 13.42
C PHE A 167 -0.61 -5.20 11.97
N SER A 168 -0.34 -6.36 11.37
CA SER A 168 -0.70 -6.57 9.96
C SER A 168 -1.86 -7.54 9.81
N ILE A 169 -2.53 -7.50 8.66
CA ILE A 169 -3.66 -8.38 8.35
C ILE A 169 -3.48 -8.91 6.95
N THR A 170 -3.65 -10.22 6.78
CA THR A 170 -3.44 -10.91 5.50
C THR A 170 -4.35 -12.14 5.43
N PRO A 171 -4.71 -12.59 4.21
CA PRO A 171 -5.61 -13.74 4.17
C PRO A 171 -5.12 -14.88 5.06
N ALA A 172 -3.79 -15.06 5.12
CA ALA A 172 -3.14 -16.05 5.99
C ALA A 172 -3.54 -15.90 7.47
N ALA A 173 -3.42 -14.68 8.00
CA ALA A 173 -4.03 -14.36 9.29
C ALA A 173 -4.89 -13.09 9.24
N PRO A 174 -6.19 -13.24 8.89
CA PRO A 174 -7.11 -12.16 8.72
C PRO A 174 -7.56 -11.53 10.04
N SER A 175 -7.11 -12.09 11.17
CA SER A 175 -7.59 -11.68 12.49
C SER A 175 -6.45 -11.33 13.42
N TYR A 176 -6.63 -10.30 14.25
CA TYR A 176 -5.66 -10.02 15.31
C TYR A 176 -6.25 -9.40 16.54
N THR A 177 -5.63 -9.68 17.68
CA THR A 177 -6.03 -9.15 18.98
C THR A 177 -4.89 -8.37 19.62
N LEU A 178 -5.03 -7.05 19.73
CA LEU A 178 -3.93 -6.25 20.22
C LEU A 178 -4.19 -6.05 21.68
N LYS A 179 -3.30 -6.53 22.56
CA LYS A 179 -3.41 -6.30 24.01
C LYS A 179 -2.92 -4.90 24.27
N LEU A 180 -3.53 -4.20 25.21
CA LEU A 180 -3.25 -2.78 25.40
C LEU A 180 -3.09 -2.43 26.88
N GLY A 181 -2.28 -3.21 27.58
CA GLY A 181 -2.05 -2.98 28.99
C GLY A 181 -3.34 -3.08 29.75
N GLU A 182 -3.54 -2.17 30.71
CA GLU A 182 -4.76 -2.19 31.51
C GLU A 182 -6.04 -1.73 30.77
N TYR A 183 -5.89 -1.24 29.53
CA TYR A 183 -7.05 -0.89 28.73
C TYR A 183 -7.71 -2.14 28.21
N GLY A 184 -7.08 -3.28 28.45
CA GLY A 184 -7.65 -4.57 28.08
C GLY A 184 -7.11 -4.94 26.73
N GLU A 185 -7.99 -5.28 25.80
CA GLU A 185 -7.53 -5.55 24.45
C GLU A 185 -8.61 -5.21 23.44
N VAL A 186 -8.19 -4.98 22.20
CA VAL A 186 -9.11 -4.94 21.08
C VAL A 186 -8.81 -6.07 20.10
N THR A 187 -9.84 -6.83 19.72
CA THR A 187 -9.72 -7.84 18.68
C THR A 187 -10.25 -7.32 17.35
N VAL A 188 -9.59 -7.71 16.26
CA VAL A 188 -9.98 -7.28 14.94
C VAL A 188 -10.15 -8.50 14.07
N ASP A 189 -11.29 -8.59 13.38
CA ASP A 189 -11.61 -9.65 12.41
C ASP A 189 -11.94 -9.04 11.07
N CYS A 190 -11.06 -9.27 10.09
CA CYS A 190 -11.17 -8.60 8.83
C CYS A 190 -11.31 -9.62 7.79
N GLU A 191 -11.61 -9.16 6.58
CA GLU A 191 -11.93 -10.02 5.48
C GLU A 191 -11.21 -9.45 4.26
N PRO A 192 -9.90 -9.74 4.16
CA PRO A 192 -9.14 -9.39 2.97
C PRO A 192 -9.58 -10.22 1.77
N ARG A 193 -10.39 -9.60 0.92
CA ARG A 193 -10.67 -10.09 -0.43
C ARG A 193 -11.52 -8.98 -0.99
N SER A 194 -10.84 -7.84 -1.17
CA SER A 194 -11.49 -6.55 -1.38
C SER A 194 -10.74 -5.59 -2.31
N GLY A 195 -11.35 -5.35 -3.48
CA GLY A 195 -10.90 -4.32 -4.42
C GLY A 195 -10.23 -4.84 -5.68
N ILE A 196 -9.16 -5.61 -5.50
CA ILE A 196 -8.34 -6.09 -6.60
C ILE A 196 -8.81 -7.48 -7.01
N ASP A 197 -8.84 -7.75 -8.32
CA ASP A 197 -9.14 -9.09 -8.81
C ASP A 197 -7.87 -9.96 -8.79
N THR A 198 -8.01 -11.23 -9.14
CA THR A 198 -6.86 -12.14 -9.20
C THR A 198 -6.00 -12.05 -10.49
N ASN A 199 -6.46 -11.31 -11.52
CA ASN A 199 -5.77 -11.31 -12.83
C ASN A 199 -5.87 -10.10 -13.81
N ALA A 200 -6.09 -8.88 -13.31
CA ALA A 200 -6.19 -7.69 -14.19
C ALA A 200 -4.86 -7.20 -14.81
N TYR A 201 -4.47 -5.96 -14.51
CA TYR A 201 -3.33 -5.29 -15.15
C TYR A 201 -2.03 -5.59 -14.44
N TYR A 202 -0.98 -5.75 -15.22
CA TYR A 202 0.28 -6.26 -14.70
C TYR A 202 1.27 -5.22 -14.26
N VAL A 203 2.30 -5.71 -13.57
CA VAL A 203 3.44 -4.94 -13.17
C VAL A 203 4.64 -5.40 -13.97
N MET A 204 5.25 -4.45 -14.67
CA MET A 204 6.27 -4.75 -15.65
C MET A 204 7.51 -3.94 -15.36
N THR A 205 8.65 -4.63 -15.25
CA THR A 205 9.88 -3.96 -14.87
C THR A 205 10.73 -3.84 -16.11
N VAL A 206 11.02 -2.62 -16.53
CA VAL A 206 11.97 -2.40 -17.63
C VAL A 206 13.22 -1.72 -17.08
N GLY A 207 14.31 -2.48 -16.94
CA GLY A 207 15.51 -2.00 -16.25
C GLY A 207 15.12 -1.38 -14.90
N THR A 208 15.45 -0.10 -14.71
CA THR A 208 15.15 0.61 -13.46
C THR A 208 13.65 0.79 -13.17
N LYS A 209 12.92 1.29 -14.17
CA LYS A 209 11.55 1.75 -13.94
C LYS A 209 10.47 0.66 -14.05
N THR A 210 9.62 0.55 -13.02
CA THR A 210 8.53 -0.45 -12.97
C THR A 210 7.16 0.21 -13.23
N PHE A 211 6.34 -0.41 -14.07
CA PHE A 211 5.06 0.18 -14.48
C PHE A 211 3.81 -0.67 -14.25
N LEU A 212 2.69 0.01 -14.02
CA LEU A 212 1.36 -0.58 -14.01
C LEU A 212 0.84 -0.61 -15.46
N VAL A 213 0.93 -1.76 -16.12
CA VAL A 213 0.60 -1.84 -17.54
C VAL A 213 -0.72 -2.54 -17.85
N HIS A 214 -1.37 -2.15 -18.94
CA HIS A 214 -2.57 -2.83 -19.41
C HIS A 214 -2.22 -4.28 -19.69
N ARG A 215 -2.69 -5.15 -18.81
CA ARG A 215 -2.62 -6.60 -19.00
C ARG A 215 -2.65 -7.00 -20.50
N GLU A 216 -3.75 -6.67 -21.17
CA GLU A 216 -4.01 -7.11 -22.53
C GLU A 216 -2.87 -6.69 -23.49
N TRP A 217 -2.28 -5.53 -23.21
CA TRP A 217 -1.24 -4.91 -24.04
C TRP A 217 0.10 -5.66 -23.90
N PHE A 218 0.41 -6.05 -22.67
CA PHE A 218 1.59 -6.82 -22.33
C PHE A 218 1.65 -8.14 -23.11
N MET A 219 0.53 -8.87 -23.14
CA MET A 219 0.43 -10.15 -23.85
C MET A 219 0.71 -10.07 -25.37
N ASP A 220 0.43 -8.90 -25.94
CA ASP A 220 0.54 -8.71 -27.39
C ASP A 220 1.83 -8.08 -27.86
N LEU A 221 2.68 -7.68 -26.91
CA LEU A 221 4.01 -7.20 -27.21
C LEU A 221 4.69 -8.09 -28.24
N ASN A 222 5.05 -7.50 -29.38
CA ASN A 222 5.75 -8.24 -30.40
C ASN A 222 7.27 -8.39 -30.12
N LEU A 223 7.56 -9.16 -29.06
CA LEU A 223 8.93 -9.55 -28.67
C LEU A 223 9.01 -11.03 -28.27
N PRO A 224 10.24 -11.60 -28.17
CA PRO A 224 10.48 -12.97 -27.68
C PRO A 224 10.20 -13.14 -26.20
N TRP A 225 9.68 -14.30 -25.83
CA TRP A 225 9.21 -14.51 -24.47
C TRP A 225 9.45 -15.88 -23.88
N SER A 226 9.68 -15.88 -22.56
CA SER A 226 9.77 -17.10 -21.78
C SER A 226 8.71 -17.04 -20.69
N SER A 227 8.00 -18.15 -20.48
CA SER A 227 6.97 -18.24 -19.45
C SER A 227 7.59 -18.39 -18.06
N ALA A 228 6.72 -18.56 -17.07
CA ALA A 228 7.08 -18.68 -15.65
C ALA A 228 8.45 -19.34 -15.36
N GLY A 229 8.42 -20.63 -15.01
CA GLY A 229 9.62 -21.31 -14.55
C GLY A 229 10.43 -21.99 -15.63
N SER A 230 10.90 -21.23 -16.61
CA SER A 230 11.89 -21.71 -17.60
C SER A 230 12.47 -20.55 -18.38
N THR A 231 13.78 -20.65 -18.65
CA THR A 231 14.44 -19.75 -19.59
C THR A 231 14.66 -20.53 -20.91
N VAL A 232 13.54 -20.79 -21.59
CA VAL A 232 13.51 -21.11 -23.01
C VAL A 232 12.76 -19.97 -23.69
N TRP A 233 13.41 -19.34 -24.66
CA TRP A 233 12.91 -18.14 -25.30
C TRP A 233 12.16 -18.40 -26.61
N ARG A 234 10.81 -18.38 -26.58
CA ARG A 234 10.00 -18.60 -27.78
C ARG A 234 9.74 -17.32 -28.59
N ASN A 235 9.41 -17.48 -29.88
CA ASN A 235 9.11 -16.36 -30.79
C ASN A 235 10.26 -15.33 -30.86
N ARG A 236 11.44 -15.82 -31.23
CA ARG A 236 12.65 -15.02 -31.23
C ARG A 236 12.86 -14.19 -32.50
N GLU A 237 12.63 -14.82 -33.65
CA GLU A 237 12.60 -14.19 -34.99
C GLU A 237 12.21 -12.70 -35.07
N THR A 238 11.43 -12.23 -34.09
CA THR A 238 11.00 -10.84 -34.01
C THR A 238 12.16 -9.85 -33.77
N LEU A 239 13.22 -10.31 -33.10
CA LEU A 239 14.39 -9.48 -32.81
C LEU A 239 15.63 -9.75 -33.68
N MET A 240 15.55 -10.75 -34.57
CA MET A 240 16.66 -11.06 -35.46
C MET A 240 16.31 -10.98 -36.94
N GLU A 241 17.16 -10.23 -37.66
CA GLU A 241 17.01 -10.08 -39.09
C GLU A 241 17.98 -10.99 -39.83
N PHE A 242 17.42 -11.74 -40.79
CA PHE A 242 18.19 -12.57 -41.70
C PHE A 242 18.43 -11.80 -42.99
N GLU A 243 19.68 -11.46 -43.27
CA GLU A 243 19.99 -10.65 -44.43
C GLU A 243 19.92 -11.43 -45.73
N GLU A 244 20.52 -10.86 -46.77
CA GLU A 244 20.55 -11.48 -48.09
C GLU A 244 21.29 -12.81 -48.12
N PRO A 245 20.67 -13.84 -48.74
CA PRO A 245 21.38 -15.12 -48.89
C PRO A 245 22.56 -15.07 -49.89
N HIS A 246 23.79 -15.01 -49.34
CA HIS A 246 25.00 -15.24 -50.11
C HIS A 246 25.23 -16.77 -50.05
N ALA A 247 25.21 -17.40 -51.22
CA ALA A 247 25.62 -18.81 -51.45
C ALA A 247 26.52 -19.47 -50.38
N THR A 248 27.73 -18.95 -50.23
CA THR A 248 28.63 -19.28 -49.13
C THR A 248 28.09 -18.74 -47.78
N LYS A 249 28.18 -17.43 -47.55
CA LYS A 249 27.78 -16.86 -46.25
C LYS A 249 26.58 -15.90 -46.30
N GLN A 250 25.49 -16.29 -45.63
CA GLN A 250 24.35 -15.38 -45.36
C GLN A 250 24.50 -14.67 -44.01
N SER A 251 24.17 -13.38 -43.99
CA SER A 251 24.34 -12.58 -42.77
C SER A 251 23.14 -12.60 -41.81
N VAL A 252 23.43 -12.81 -40.53
CA VAL A 252 22.39 -12.85 -39.50
C VAL A 252 22.77 -11.96 -38.34
N ILE A 253 21.98 -10.90 -38.12
CA ILE A 253 22.26 -9.91 -37.07
C ILE A 253 21.14 -9.78 -36.03
N ALA A 254 21.46 -9.11 -34.92
CA ALA A 254 20.50 -8.73 -33.90
C ALA A 254 20.01 -7.28 -34.10
N LEU A 255 18.72 -7.03 -33.87
CA LEU A 255 18.24 -5.65 -33.71
C LEU A 255 18.72 -5.08 -32.36
N GLY A 256 19.12 -3.81 -32.35
CA GLY A 256 19.58 -3.11 -31.13
C GLY A 256 18.49 -2.96 -30.06
N SER A 257 18.85 -2.38 -28.92
CA SER A 257 17.95 -2.32 -27.76
C SER A 257 16.52 -1.91 -28.13
N GLN A 258 15.58 -2.42 -27.35
CA GLN A 258 14.17 -2.02 -27.44
C GLN A 258 13.77 -1.23 -26.19
N GLU A 259 14.72 -1.13 -25.26
CA GLU A 259 14.51 -0.43 -24.02
C GLU A 259 13.88 0.95 -24.26
N GLY A 260 14.39 1.66 -25.26
CA GLY A 260 13.93 3.01 -25.59
C GLY A 260 12.49 3.05 -26.07
N ALA A 261 12.17 2.16 -27.01
CA ALA A 261 10.83 2.01 -27.57
C ALA A 261 9.78 1.64 -26.51
N LEU A 262 10.24 1.03 -25.41
CA LEU A 262 9.37 0.62 -24.32
C LEU A 262 9.10 1.71 -23.29
N HIS A 263 10.15 2.40 -22.83
CA HIS A 263 9.97 3.53 -21.91
C HIS A 263 9.14 4.61 -22.58
N GLN A 264 9.14 4.53 -23.92
CA GLN A 264 8.41 5.42 -24.80
C GLN A 264 6.95 5.00 -24.82
N ALA A 265 6.70 3.74 -25.17
CA ALA A 265 5.36 3.13 -25.17
C ALA A 265 4.75 3.00 -23.75
N LEU A 266 5.32 3.70 -22.79
CA LEU A 266 4.89 3.63 -21.40
C LEU A 266 5.07 4.98 -20.75
N ALA A 267 5.49 5.95 -21.55
CA ALA A 267 5.64 7.32 -21.08
C ALA A 267 4.49 7.72 -20.14
N GLY A 268 3.25 7.35 -20.53
CA GLY A 268 2.04 7.79 -19.87
C GLY A 268 1.46 6.88 -18.80
N ALA A 269 1.82 5.60 -18.85
CA ALA A 269 1.27 4.60 -17.94
C ALA A 269 1.67 4.89 -16.51
N ILE A 270 0.92 4.32 -15.55
CA ILE A 270 1.14 4.59 -14.12
C ILE A 270 2.45 3.98 -13.59
N PRO A 271 3.40 4.84 -13.15
CA PRO A 271 4.66 4.33 -12.62
C PRO A 271 4.50 3.83 -11.18
N VAL A 272 5.25 2.77 -10.85
CA VAL A 272 5.20 2.14 -9.51
C VAL A 272 6.61 1.94 -8.97
N GLU A 273 6.78 2.17 -7.66
CA GLU A 273 8.05 1.91 -7.00
C GLU A 273 8.05 0.45 -6.49
N PHE A 274 8.99 -0.33 -7.01
CA PHE A 274 9.02 -1.78 -6.81
C PHE A 274 10.27 -2.22 -6.08
N SER A 275 10.89 -1.27 -5.37
CA SER A 275 12.06 -1.58 -4.57
C SER A 275 11.79 -2.79 -3.66
N SER A 276 12.81 -3.64 -3.56
CA SER A 276 12.79 -4.87 -2.75
C SER A 276 11.53 -5.70 -2.92
N ASN A 277 11.29 -6.12 -4.17
CA ASN A 277 10.28 -7.14 -4.54
C ASN A 277 8.85 -7.00 -3.94
N THR A 278 8.42 -5.74 -3.70
CA THR A 278 7.07 -5.44 -3.19
C THR A 278 6.53 -4.14 -3.81
N VAL A 279 5.20 -3.97 -3.74
CA VAL A 279 4.55 -2.81 -4.35
C VAL A 279 3.58 -2.06 -3.43
N LYS A 280 3.88 -0.78 -3.20
CA LYS A 280 2.95 0.10 -2.51
C LYS A 280 1.68 0.13 -3.33
N LEU A 281 0.53 0.17 -2.65
CA LEU A 281 -0.75 0.29 -3.31
C LEU A 281 -1.49 1.51 -2.78
N THR A 282 -2.08 2.29 -3.66
CA THR A 282 -2.87 3.46 -3.22
C THR A 282 -4.39 3.23 -3.15
N SER A 283 -4.92 2.44 -4.10
CA SER A 283 -6.29 1.95 -3.99
C SER A 283 -6.36 0.86 -2.89
N GLY A 284 -7.50 0.19 -2.72
CA GLY A 284 -7.69 -0.88 -1.71
C GLY A 284 -8.38 -0.46 -0.41
N HIS A 285 -9.15 -1.38 0.17
CA HIS A 285 -9.92 -1.15 1.40
C HIS A 285 -10.09 -2.45 2.15
N LEU A 286 -10.36 -2.38 3.45
CA LEU A 286 -10.48 -3.57 4.27
C LEU A 286 -11.75 -3.50 5.08
N LYS A 287 -12.60 -4.54 5.03
CA LYS A 287 -13.75 -4.68 5.97
C LYS A 287 -13.29 -5.32 7.26
N CYS A 288 -13.57 -4.72 8.42
CA CYS A 288 -13.31 -5.40 9.70
C CYS A 288 -14.47 -5.27 10.66
N ARG A 289 -14.52 -6.24 11.55
CA ARG A 289 -15.36 -6.13 12.73
C ARG A 289 -14.40 -5.90 13.84
N VAL A 290 -14.61 -4.85 14.63
CA VAL A 290 -13.68 -4.49 15.68
C VAL A 290 -14.34 -4.76 17.00
N LYS A 291 -13.93 -5.82 17.71
CA LYS A 291 -14.60 -6.24 18.92
C LYS A 291 -14.01 -5.57 20.17
N MET A 292 -14.89 -4.98 20.98
CA MET A 292 -14.42 -4.25 22.12
C MET A 292 -14.96 -4.77 23.46
N GLU A 293 -15.47 -6.00 23.44
CA GLU A 293 -15.90 -6.67 24.68
C GLU A 293 -14.85 -6.59 25.81
N LYS A 294 -13.58 -6.71 25.45
CA LYS A 294 -12.52 -6.84 26.41
C LYS A 294 -11.72 -5.56 26.51
N LEU A 295 -12.26 -4.47 25.99
CA LEU A 295 -11.65 -3.15 26.14
C LEU A 295 -12.27 -2.51 27.38
N GLN A 296 -11.43 -2.11 28.31
CA GLN A 296 -11.92 -1.65 29.60
C GLN A 296 -11.47 -0.22 29.79
N LEU A 297 -12.09 0.45 30.74
CA LEU A 297 -11.75 1.78 31.11
C LEU A 297 -10.74 1.56 32.21
N LYS A 298 -9.82 2.49 32.47
CA LYS A 298 -8.95 2.23 33.62
C LYS A 298 -8.80 3.35 34.65
N GLY A 299 -8.84 2.94 35.93
CA GLY A 299 -8.74 3.87 37.06
C GLY A 299 -9.96 4.75 37.19
N THR A 300 -11.11 4.11 37.33
CA THR A 300 -12.37 4.82 37.53
C THR A 300 -12.57 5.09 39.03
N THR A 301 -11.76 4.40 39.85
CA THR A 301 -11.69 4.64 41.29
C THR A 301 -11.17 6.03 41.65
N TYR A 302 -10.20 6.55 40.89
CA TYR A 302 -9.60 7.88 41.15
C TYR A 302 -10.61 9.01 41.26
N GLY A 303 -10.30 9.99 42.11
CA GLY A 303 -11.19 11.14 42.32
C GLY A 303 -11.09 12.20 41.23
N VAL A 304 -11.99 13.17 41.28
CA VAL A 304 -11.99 14.27 40.33
C VAL A 304 -10.98 15.34 40.72
N CYS A 305 -10.25 15.83 39.73
CA CYS A 305 -9.30 16.90 39.95
C CYS A 305 -9.91 18.06 40.74
N SER A 306 -9.42 18.26 41.96
CA SER A 306 -9.97 19.28 42.82
C SER A 306 -9.46 20.69 42.47
N LYS A 307 -8.27 20.82 41.89
CA LYS A 307 -7.68 22.15 41.74
C LYS A 307 -7.92 22.82 40.36
N ALA A 308 -7.33 24.00 40.20
CA ALA A 308 -7.61 24.88 39.07
C ALA A 308 -6.81 24.49 37.86
N PHE A 309 -7.46 24.50 36.70
CA PHE A 309 -6.77 24.22 35.43
C PHE A 309 -6.43 25.51 34.70
N LYS A 310 -5.75 25.42 33.57
CA LYS A 310 -5.50 26.60 32.74
C LYS A 310 -5.53 26.26 31.24
N PHE A 311 -6.18 27.07 30.41
CA PHE A 311 -6.05 26.92 28.95
C PHE A 311 -4.67 27.37 28.44
N LEU A 312 -4.10 26.67 27.47
CA LEU A 312 -2.76 27.01 26.99
C LEU A 312 -2.75 27.58 25.58
N GLY A 313 -3.90 28.08 25.12
CA GLY A 313 -4.03 28.62 23.76
C GLY A 313 -5.48 28.53 23.38
N THR A 314 -5.85 29.20 22.31
CA THR A 314 -7.24 29.12 21.88
C THR A 314 -7.45 27.69 21.43
N PRO A 315 -8.54 27.04 21.91
CA PRO A 315 -8.89 25.75 21.34
C PRO A 315 -8.93 25.85 19.82
N ALA A 316 -8.50 24.77 19.18
CA ALA A 316 -8.34 24.73 17.74
C ALA A 316 -9.33 23.75 17.08
N ASP A 317 -9.78 24.11 15.88
CA ASP A 317 -10.79 23.36 15.13
C ASP A 317 -10.10 22.35 14.23
N THR A 318 -10.39 21.06 14.46
CA THR A 318 -9.81 19.94 13.72
C THR A 318 -10.30 19.92 12.29
N GLY A 319 -11.35 20.70 11.97
CA GLY A 319 -11.97 20.63 10.66
C GLY A 319 -12.90 19.44 10.46
N HIS A 320 -13.16 18.67 11.52
CA HIS A 320 -14.26 17.66 11.51
C HIS A 320 -15.31 17.94 12.57
N GLY A 321 -15.47 19.18 12.97
CA GLY A 321 -16.51 19.50 13.89
C GLY A 321 -16.15 19.15 15.31
N THR A 322 -14.88 18.82 15.53
CA THR A 322 -14.40 18.62 16.90
C THR A 322 -13.33 19.67 17.20
N VAL A 323 -13.13 19.97 18.47
CA VAL A 323 -12.03 20.84 18.81
C VAL A 323 -10.91 20.13 19.65
N VAL A 324 -9.67 20.53 19.41
CA VAL A 324 -8.54 20.11 20.22
C VAL A 324 -8.10 21.29 21.06
N LEU A 325 -7.80 21.04 22.33
CA LEU A 325 -7.22 22.04 23.19
C LEU A 325 -6.38 21.39 24.25
N GLU A 326 -5.54 22.20 24.91
CA GLU A 326 -4.63 21.67 25.90
C GLU A 326 -4.67 22.36 27.23
N LEU A 327 -5.09 21.61 28.22
CA LEU A 327 -5.07 22.10 29.58
C LEU A 327 -3.68 22.00 30.17
N GLN A 328 -3.52 22.67 31.30
CA GLN A 328 -2.39 22.54 32.18
C GLN A 328 -2.97 22.56 33.60
N TYR A 329 -2.74 21.50 34.36
CA TYR A 329 -3.28 21.40 35.71
C TYR A 329 -2.35 22.11 36.70
N THR A 330 -2.88 22.66 37.81
CA THR A 330 -1.99 23.34 38.80
C THR A 330 -1.68 22.50 40.03
N GLY A 331 -2.63 21.63 40.41
CA GLY A 331 -2.49 20.84 41.64
C GLY A 331 -1.45 19.74 41.63
N THR A 332 -1.39 19.00 42.72
CA THR A 332 -0.51 17.85 42.80
C THR A 332 -1.24 16.68 43.39
N ASP A 333 -2.58 16.69 43.29
CA ASP A 333 -3.40 15.71 44.01
C ASP A 333 -3.53 14.36 43.28
N GLY A 334 -2.44 13.59 43.36
CA GLY A 334 -2.26 12.34 42.64
C GLY A 334 -2.69 12.48 41.19
N PRO A 335 -2.94 11.35 40.49
CA PRO A 335 -3.71 11.30 39.25
C PRO A 335 -5.22 11.43 39.52
N CYS A 336 -5.90 12.26 38.72
CA CYS A 336 -7.34 12.50 38.93
C CYS A 336 -8.06 12.78 37.61
N LYS A 337 -9.37 12.61 37.61
CA LYS A 337 -10.23 12.74 36.44
C LYS A 337 -10.49 14.20 36.11
N VAL A 338 -10.38 14.55 34.84
CA VAL A 338 -10.55 15.96 34.44
C VAL A 338 -12.01 16.38 34.26
N PRO A 339 -12.46 17.39 35.02
CA PRO A 339 -13.85 17.83 34.95
C PRO A 339 -14.12 18.74 33.73
N ILE A 340 -13.97 18.22 32.52
CA ILE A 340 -14.20 19.03 31.32
C ILE A 340 -15.39 18.52 30.55
N SER A 341 -16.20 19.44 30.07
CA SER A 341 -17.35 19.10 29.26
C SER A 341 -17.74 20.36 28.60
N SER A 342 -18.82 20.24 27.87
CA SER A 342 -19.27 21.30 27.01
C SER A 342 -20.74 21.55 27.40
N VAL A 343 -21.02 22.81 27.77
CA VAL A 343 -22.33 23.24 28.25
C VAL A 343 -22.87 24.33 27.35
N ALA A 344 -24.18 24.41 27.24
CA ALA A 344 -24.83 25.35 26.31
C ALA A 344 -24.79 26.76 26.82
N SER A 345 -24.94 26.94 28.13
CA SER A 345 -24.81 28.25 28.79
C SER A 345 -24.12 28.03 30.10
N LEU A 346 -23.35 29.03 30.50
CA LEU A 346 -22.46 28.89 31.62
C LEU A 346 -23.01 28.21 32.88
N ASN A 347 -24.16 28.57 33.40
CA ASN A 347 -24.47 27.92 34.67
C ASN A 347 -24.95 26.45 34.58
N ASP A 348 -24.92 25.90 33.36
CA ASP A 348 -25.68 24.68 33.01
C ASP A 348 -25.25 23.46 33.82
N LEU A 349 -26.23 22.72 34.37
CA LEU A 349 -25.92 21.54 35.18
C LEU A 349 -25.73 20.22 34.46
N THR A 350 -26.18 20.12 33.21
CA THR A 350 -25.92 18.93 32.39
C THR A 350 -25.21 19.34 31.12
N PRO A 351 -24.44 18.44 30.49
CA PRO A 351 -23.65 18.85 29.29
C PRO A 351 -24.31 18.74 27.89
N VAL A 352 -23.61 19.15 26.83
CA VAL A 352 -24.24 19.10 25.50
C VAL A 352 -23.54 18.44 24.31
N GLY A 353 -22.23 18.41 24.23
CA GLY A 353 -21.69 17.67 23.08
C GLY A 353 -21.40 16.26 23.53
N ARG A 354 -20.24 15.75 23.15
CA ARG A 354 -19.58 14.59 23.75
C ARG A 354 -18.09 14.90 23.72
N LEU A 355 -17.38 14.35 24.70
CA LEU A 355 -15.94 14.29 24.70
C LEU A 355 -15.49 13.30 23.61
N VAL A 356 -14.39 13.56 22.93
CA VAL A 356 -13.81 12.48 22.15
C VAL A 356 -12.76 11.77 22.99
N THR A 357 -11.88 12.54 23.61
CA THR A 357 -11.00 12.05 24.64
C THR A 357 -11.87 11.63 25.84
N VAL A 358 -12.59 10.53 25.69
CA VAL A 358 -13.46 10.09 26.77
C VAL A 358 -12.67 9.81 28.04
N ASN A 359 -13.26 10.05 29.21
CA ASN A 359 -12.61 9.78 30.51
C ASN A 359 -11.21 10.41 30.66
N PRO A 360 -11.11 11.73 30.48
CA PRO A 360 -9.80 12.35 30.44
C PRO A 360 -9.17 12.31 31.81
N PHE A 361 -7.84 12.37 31.86
CA PHE A 361 -7.07 12.15 33.10
C PHE A 361 -5.82 13.00 33.27
N VAL A 362 -5.61 13.45 34.49
CA VAL A 362 -4.31 13.93 34.86
C VAL A 362 -3.67 12.67 35.41
N SER A 363 -2.62 12.20 34.72
CA SER A 363 -2.10 10.88 35.00
C SER A 363 -0.90 10.91 35.93
N VAL A 364 -0.50 12.08 36.40
CA VAL A 364 0.65 12.19 37.32
C VAL A 364 0.35 12.97 38.62
N ALA A 365 1.28 12.91 39.57
CA ALA A 365 1.14 13.59 40.86
C ALA A 365 1.94 14.89 40.90
N THR A 366 2.70 15.17 39.84
CA THR A 366 3.50 16.40 39.79
C THR A 366 2.64 17.59 39.36
N ALA A 367 3.14 18.79 39.68
CA ALA A 367 2.42 20.00 39.32
C ALA A 367 2.63 20.27 37.85
N ASN A 368 1.67 20.98 37.25
CA ASN A 368 1.78 21.50 35.89
C ASN A 368 1.72 20.49 34.77
N ALA A 369 1.06 19.36 35.04
CA ALA A 369 0.80 18.33 34.02
C ALA A 369 -0.02 18.95 32.91
N LYS A 370 0.20 18.49 31.68
CA LYS A 370 -0.56 18.96 30.55
C LYS A 370 -1.45 17.84 30.16
N VAL A 371 -2.61 18.17 29.65
CA VAL A 371 -3.44 17.17 29.04
C VAL A 371 -4.04 17.73 27.78
N LEU A 372 -4.02 16.93 26.73
CA LEU A 372 -4.68 17.29 25.50
C LEU A 372 -6.06 16.74 25.61
N ILE A 373 -7.00 17.45 25.03
CA ILE A 373 -8.38 17.01 24.95
C ILE A 373 -8.93 17.28 23.56
N GLU A 374 -9.64 16.31 23.02
CA GLU A 374 -10.39 16.62 21.84
C GLU A 374 -11.83 16.38 22.19
N LEU A 375 -12.67 17.38 21.96
CA LEU A 375 -14.09 17.18 22.22
C LEU A 375 -14.93 17.64 21.06
N GLU A 376 -16.16 17.14 21.01
CA GLU A 376 -17.07 17.51 19.96
C GLU A 376 -18.15 18.42 20.50
N PRO A 377 -18.04 19.73 20.23
CA PRO A 377 -18.97 20.66 20.80
C PRO A 377 -20.24 20.61 19.96
N PRO A 378 -21.35 21.13 20.49
CA PRO A 378 -22.59 21.03 19.75
C PRO A 378 -22.61 22.14 18.72
N PHE A 379 -23.62 22.15 17.86
CA PHE A 379 -23.78 23.24 16.93
C PHE A 379 -24.21 24.50 17.62
N GLY A 380 -23.77 25.63 17.08
CA GLY A 380 -24.14 26.92 17.63
C GLY A 380 -23.16 27.35 18.69
N ASP A 381 -23.60 28.23 19.56
CA ASP A 381 -22.82 28.73 20.69
C ASP A 381 -22.83 27.76 21.87
N SER A 382 -21.67 27.58 22.47
CA SER A 382 -21.55 26.83 23.69
C SER A 382 -20.26 27.26 24.37
N TYR A 383 -20.15 26.94 25.65
CA TYR A 383 -18.92 27.17 26.38
C TYR A 383 -18.34 25.80 26.70
N ILE A 384 -17.03 25.70 26.49
CA ILE A 384 -16.22 24.62 26.99
C ILE A 384 -15.91 24.98 28.44
N VAL A 385 -16.27 24.12 29.39
CA VAL A 385 -15.95 24.43 30.79
C VAL A 385 -15.18 23.34 31.49
N VAL A 386 -14.16 23.80 32.20
CA VAL A 386 -13.30 22.93 32.96
C VAL A 386 -13.37 23.39 34.40
N GLY A 387 -13.77 22.51 35.30
CA GLY A 387 -13.73 22.85 36.71
C GLY A 387 -15.08 23.09 37.35
N ARG A 388 -15.07 23.21 38.67
CA ARG A 388 -16.31 23.39 39.42
C ARG A 388 -16.27 24.74 40.11
N GLY A 389 -17.30 25.56 39.87
CA GLY A 389 -17.51 26.81 40.62
C GLY A 389 -16.37 27.80 40.69
N GLU A 390 -15.80 27.97 41.87
CA GLU A 390 -14.76 28.99 42.13
C GLU A 390 -13.58 28.92 41.15
N GLN A 391 -13.10 27.70 40.88
CA GLN A 391 -11.98 27.43 39.98
C GLN A 391 -12.39 27.21 38.53
N GLN A 392 -13.67 27.37 38.20
CA GLN A 392 -14.08 27.11 36.83
C GLN A 392 -13.39 28.10 35.92
N ILE A 393 -12.99 27.63 34.74
CA ILE A 393 -12.55 28.48 33.63
C ILE A 393 -13.39 28.07 32.47
N ASN A 394 -13.41 28.87 31.41
CA ASN A 394 -14.24 28.50 30.27
C ASN A 394 -13.84 29.17 28.96
N HIS A 395 -14.34 28.65 27.87
CA HIS A 395 -14.03 29.22 26.60
C HIS A 395 -15.20 28.96 25.69
N HIS A 396 -15.49 29.99 24.91
CA HIS A 396 -16.67 30.01 24.10
C HIS A 396 -16.34 29.37 22.77
N TRP A 397 -17.34 28.75 22.16
CA TRP A 397 -17.14 28.17 20.84
C TRP A 397 -18.41 28.34 20.03
N HIS A 398 -18.29 28.73 18.76
CA HIS A 398 -19.41 28.65 17.83
C HIS A 398 -19.09 27.60 16.79
N LYS A 399 -20.07 26.79 16.44
CA LYS A 399 -19.91 25.81 15.38
C LYS A 399 -21.02 26.02 14.30
N SER A 400 -20.58 26.36 13.08
CA SER A 400 -21.51 26.72 12.00
C SER A 400 -22.05 25.47 11.35
N GLY A 401 -23.21 25.60 10.69
CA GLY A 401 -23.95 24.46 10.19
C GLY A 401 -25.26 24.29 10.94
N SER A 402 -26.27 23.81 10.24
CA SER A 402 -27.60 23.61 10.83
C SER A 402 -27.80 22.13 11.22
N SER A 403 -28.05 21.28 10.22
CA SER A 403 -28.44 19.87 10.42
C SER A 403 -27.43 19.08 11.26
#